data_1W13
#
_entry.id   1W13
#
_cell.length_a   53.040
_cell.length_b   54.950
_cell.length_c   82.320
_cell.angle_alpha   90.00
_cell.angle_beta   90.00
_cell.angle_gamma   90.00
#
_symmetry.space_group_name_H-M   'P 21 21 21'
#
loop_
_entity.id
_entity.type
_entity.pdbx_description
1 polymer 'UROKINASE-TYPE PLASMINOGEN ACTIVATOR'
2 non-polymer N-(BENZYLSULFONYL)-D-SERYL-N-(4-{[AMINO(IMINO)METHYL]AMINO}BENZYL)-L-ALANINAMIDE
3 non-polymer 'SULFATE ION'
4 water water
#
_entity_poly.entity_id   1
_entity_poly.type   'polypeptide(L)'
_entity_poly.pdbx_seq_one_letter_code
;IIGGEFTTIENQPWFAAIYRRHRGGSVTYVCGGSLISPCWVISATHCFIDYPKKEDYIVYLGRSRLNSNTQGEMKFEVEN
LILHKDYSADTLAHHNDIALLKIRSKEGRCAQPSRTIQTISLPSMYNDPQFGTSCEITGFGKENSTDYLYPEQLKMTVVK
LISHRECQQPHYYGSEVTTKMLCAADPQWKTDSCQGDSGGPLVCSLQGRMTLTGIVSWGRGCALKDKPGVYTRVSHFLPW
IRSHTKE
;
_entity_poly.pdbx_strand_id   U
#
loop_
_chem_comp.id
_chem_comp.type
_chem_comp.name
_chem_comp.formula
SM1 non-polymer N-(BENZYLSULFONYL)-D-SERYL-N-(4-{[AMINO(IMINO)METHYL]AMINO}BENZYL)-L-ALANINAMIDE 'C21 H28 N6 O5 S'
SO4 non-polymer 'SULFATE ION' 'O4 S -2'
#
# COMPACT_ATOMS: atom_id res chain seq x y z
N ILE A 1 7.91 -6.16 -5.61
CA ILE A 1 7.15 -7.42 -5.83
C ILE A 1 8.07 -8.52 -6.33
N ILE A 2 8.13 -9.61 -5.56
CA ILE A 2 8.94 -10.76 -5.94
C ILE A 2 8.06 -11.58 -6.87
N GLY A 3 8.60 -11.94 -8.04
CA GLY A 3 7.80 -12.70 -8.99
C GLY A 3 6.69 -11.86 -9.59
N GLY A 4 5.61 -12.52 -9.98
CA GLY A 4 4.50 -11.79 -10.56
C GLY A 4 4.77 -11.33 -11.98
N GLU A 5 4.10 -10.26 -12.39
CA GLU A 5 4.26 -9.73 -13.75
C GLU A 5 4.26 -8.22 -13.82
N PHE A 6 4.86 -7.69 -14.88
CA PHE A 6 4.89 -6.25 -15.10
C PHE A 6 3.50 -5.87 -15.59
N THR A 7 3.02 -4.73 -15.14
CA THR A 7 1.69 -4.28 -15.51
C THR A 7 1.73 -2.78 -15.78
N THR A 8 0.60 -2.21 -16.17
CA THR A 8 0.52 -0.78 -16.43
C THR A 8 -0.51 -0.20 -15.48
N ILE A 9 -0.51 1.12 -15.33
CA ILE A 9 -1.43 1.79 -14.43
C ILE A 9 -2.89 1.63 -14.84
N GLU A 10 -3.14 1.33 -16.11
CA GLU A 10 -4.52 1.14 -16.59
C GLU A 10 -5.19 -0.02 -15.87
N ASN A 11 -4.37 -0.98 -15.45
CA ASN A 11 -4.86 -2.17 -14.75
C ASN A 11 -4.93 -1.99 -13.22
N GLN A 12 -4.33 -0.92 -12.71
CA GLN A 12 -4.33 -0.60 -11.28
C GLN A 12 -4.51 0.92 -11.20
N PRO A 13 -5.61 1.46 -11.77
CA PRO A 13 -5.86 2.91 -11.77
C PRO A 13 -5.98 3.66 -10.44
N TRP A 14 -6.06 2.92 -9.34
CA TRP A 14 -6.16 3.52 -8.02
C TRP A 14 -4.79 3.68 -7.36
N PHE A 15 -3.77 3.08 -7.96
CA PHE A 15 -2.42 3.14 -7.39
C PHE A 15 -1.79 4.51 -7.44
N ALA A 16 -1.27 4.94 -6.29
CA ALA A 16 -0.61 6.23 -6.16
C ALA A 16 0.87 6.03 -5.78
N ALA A 17 1.74 6.76 -6.48
CA ALA A 17 3.18 6.70 -6.24
C ALA A 17 3.59 7.95 -5.45
N ILE A 18 4.15 7.74 -4.26
CA ILE A 18 4.55 8.84 -3.38
C ILE A 18 6.07 9.02 -3.31
N TYR A 19 6.52 10.23 -3.64
CA TYR A 19 7.95 10.58 -3.66
C TYR A 19 8.30 11.65 -2.64
N ARG A 20 9.57 11.71 -2.26
CA ARG A 20 10.04 12.72 -1.31
C ARG A 20 11.05 13.67 -1.98
N ARG A 21 10.82 14.97 -1.81
CA ARG A 21 11.71 16.00 -2.35
C ARG A 21 12.93 16.04 -1.44
N HIS A 22 14.10 16.24 -2.02
CA HIS A 22 15.31 16.28 -1.22
C HIS A 22 16.01 17.62 -1.13
N ARG A 23 16.79 17.76 -0.06
CA ARG A 23 17.57 18.96 0.25
C ARG A 23 18.33 19.53 -0.94
N GLY A 24 18.84 18.66 -1.81
CA GLY A 24 19.56 19.11 -2.99
C GLY A 24 18.64 19.54 -4.11
N GLY A 25 18.02 18.56 -4.76
CA GLY A 25 17.10 18.84 -5.86
C GLY A 25 16.52 17.57 -6.45
N SER A 26 17.04 16.43 -6.00
CA SER A 26 16.59 15.12 -6.46
C SER A 26 15.34 14.65 -5.73
N VAL A 27 14.61 13.74 -6.38
CA VAL A 27 13.39 13.19 -5.81
C VAL A 27 13.50 11.67 -5.78
N THR A 28 13.26 11.07 -4.62
CA THR A 28 13.33 9.62 -4.47
C THR A 28 11.97 9.01 -4.13
N TYR A 29 11.78 7.76 -4.51
CA TYR A 29 10.53 7.07 -4.24
C TYR A 29 10.43 6.65 -2.78
N VAL A 30 9.27 6.87 -2.18
CA VAL A 30 9.06 6.52 -0.78
C VAL A 30 8.20 5.30 -0.58
N CYS A 31 6.96 5.36 -1.05
CA CYS A 31 6.01 4.27 -0.88
C CYS A 31 4.85 4.29 -1.86
N GLY A 32 4.05 3.23 -1.81
CA GLY A 32 2.87 3.13 -2.64
C GLY A 32 1.70 3.70 -1.85
N GLY A 33 0.54 3.78 -2.51
CA GLY A 33 -0.66 4.30 -1.87
C GLY A 33 -1.86 3.98 -2.74
N SER A 34 -3.06 4.27 -2.24
CA SER A 34 -4.31 4.02 -2.98
C SER A 34 -5.26 5.21 -2.89
N LEU A 35 -5.86 5.56 -4.02
CA LEU A 35 -6.81 6.67 -4.05
C LEU A 35 -8.18 6.16 -3.62
N ILE A 36 -8.64 6.57 -2.44
CA ILE A 36 -9.94 6.14 -1.93
C ILE A 36 -11.08 7.14 -2.18
N SER A 37 -10.72 8.33 -2.64
CA SER A 37 -11.67 9.38 -2.97
C SER A 37 -10.88 10.41 -3.78
N PRO A 38 -11.58 11.33 -4.47
CA PRO A 38 -10.87 12.34 -5.27
C PRO A 38 -9.76 13.11 -4.54
N CYS A 39 -9.97 13.38 -3.25
CA CYS A 39 -9.00 14.14 -2.46
C CYS A 39 -8.17 13.34 -1.45
N TRP A 40 -8.40 12.04 -1.34
CA TRP A 40 -7.66 11.25 -0.35
C TRP A 40 -6.95 10.00 -0.84
N VAL A 41 -5.71 9.86 -0.37
CA VAL A 41 -4.86 8.70 -0.68
C VAL A 41 -4.56 8.04 0.64
N ILE A 42 -4.66 6.72 0.69
CA ILE A 42 -4.36 6.00 1.91
C ILE A 42 -3.04 5.26 1.74
N SER A 43 -2.22 5.28 2.79
CA SER A 43 -0.92 4.64 2.76
C SER A 43 -0.56 4.09 4.14
N ALA A 44 0.73 3.95 4.41
CA ALA A 44 1.21 3.44 5.69
C ALA A 44 1.99 4.50 6.45
N THR A 45 1.80 4.56 7.77
CA THR A 45 2.49 5.54 8.61
C THR A 45 4.01 5.39 8.65
N HIS A 46 4.52 4.16 8.64
CA HIS A 46 5.97 3.95 8.70
C HIS A 46 6.72 4.63 7.56
N CYS A 47 6.01 4.94 6.50
CA CYS A 47 6.59 5.61 5.34
C CYS A 47 6.98 7.07 5.62
N PHE A 48 6.23 7.72 6.52
CA PHE A 48 6.45 9.13 6.82
C PHE A 48 6.87 9.51 8.24
N ILE A 49 6.85 8.56 9.16
CA ILE A 49 7.17 8.82 10.57
C ILE A 49 8.48 9.58 10.84
N ASP A 50 9.52 9.30 10.07
CA ASP A 50 10.81 9.98 10.25
C ASP A 50 10.89 11.39 9.65
N TYR A 51 9.99 11.70 8.72
CA TYR A 51 9.95 13.01 8.06
C TYR A 51 8.49 13.42 7.89
N PRO A 52 7.83 13.87 8.98
CA PRO A 52 6.42 14.27 8.93
C PRO A 52 6.13 15.63 8.29
N LYS A 53 7.02 16.09 7.42
CA LYS A 53 6.85 17.39 6.75
C LYS A 53 6.12 17.20 5.42
N LYS A 54 4.83 17.55 5.39
CA LYS A 54 4.00 17.38 4.20
C LYS A 54 4.53 18.05 2.94
N GLU A 55 5.25 19.17 3.10
CA GLU A 55 5.80 19.90 1.96
C GLU A 55 6.88 19.16 1.20
N ASP A 56 7.46 18.12 1.82
CA ASP A 56 8.53 17.34 1.17
C ASP A 56 7.98 16.25 0.27
N TYR A 57 6.65 16.10 0.22
CA TYR A 57 6.07 15.04 -0.58
C TYR A 57 5.36 15.42 -1.85
N ILE A 58 5.42 14.49 -2.81
CA ILE A 58 4.80 14.62 -4.11
C ILE A 58 4.04 13.33 -4.34
N VAL A 59 2.80 13.44 -4.81
CA VAL A 59 1.99 12.26 -5.08
C VAL A 59 1.64 12.23 -6.57
N TYR A 60 1.95 11.10 -7.21
CA TYR A 60 1.67 10.92 -8.63
C TYR A 60 0.57 9.89 -8.84
N LEU A 61 -0.41 10.24 -9.66
CA LEU A 61 -1.49 9.34 -10.01
C LEU A 61 -1.37 9.13 -11.52
N GLY A 62 -1.80 7.96 -12.00
CA GLY A 62 -1.73 7.65 -13.43
C GLY A 62 -0.31 7.41 -13.91
N ARG A 63 0.59 7.06 -13.00
CA ARG A 63 1.98 6.83 -13.36
C ARG A 63 2.35 5.33 -13.36
N SER A 64 2.87 4.84 -14.49
CA SER A 64 3.25 3.44 -14.63
C SER A 64 4.73 3.18 -14.38
N ARG A 65 5.56 4.23 -14.43
CA ARG A 65 6.99 4.08 -14.24
C ARG A 65 7.59 4.92 -13.13
N LEU A 66 8.62 4.37 -12.49
CA LEU A 66 9.30 5.03 -11.38
C LEU A 66 9.98 6.35 -11.72
N ASN A 67 10.94 6.30 -12.64
CA ASN A 67 11.71 7.48 -13.00
C ASN A 67 11.39 8.15 -14.34
N SER A 68 10.20 7.92 -14.87
CA SER A 68 9.81 8.55 -16.13
C SER A 68 8.32 8.86 -16.15
N ASN A 69 7.94 9.80 -17.00
CA ASN A 69 6.55 10.24 -17.12
C ASN A 69 5.68 9.31 -17.95
N THR A 70 4.40 9.30 -17.63
CA THR A 70 3.40 8.47 -18.31
C THR A 70 2.32 9.42 -18.81
N GLN A 71 1.85 9.20 -20.04
CA GLN A 71 0.80 10.06 -20.60
C GLN A 71 -0.47 9.97 -19.75
N GLY A 72 -0.98 11.13 -19.35
CA GLY A 72 -2.19 11.18 -18.54
C GLY A 72 -1.94 11.24 -17.04
N GLU A 73 -0.67 11.21 -16.63
CA GLU A 73 -0.35 11.28 -15.20
C GLU A 73 -0.68 12.65 -14.62
N MET A 74 -0.89 12.68 -13.31
CA MET A 74 -1.20 13.91 -12.60
C MET A 74 -0.37 14.02 -11.33
N LYS A 75 0.19 15.21 -11.11
CA LYS A 75 1.05 15.50 -9.98
C LYS A 75 0.29 16.29 -8.91
N PHE A 76 0.45 15.88 -7.65
CA PHE A 76 -0.23 16.53 -6.54
C PHE A 76 0.71 16.84 -5.38
N GLU A 77 0.34 17.86 -4.61
CA GLU A 77 1.06 18.27 -3.42
C GLU A 77 0.25 17.67 -2.27
N VAL A 78 0.83 17.62 -1.08
CA VAL A 78 0.11 17.07 0.07
C VAL A 78 -0.37 18.21 0.94
N GLU A 79 -1.69 18.37 0.99
CA GLU A 79 -2.35 19.41 1.77
C GLU A 79 -2.33 19.09 3.27
N ASN A 80 -2.49 17.81 3.59
CA ASN A 80 -2.50 17.36 4.97
C ASN A 80 -1.96 15.94 5.04
N LEU A 81 -1.06 15.70 5.99
CA LEU A 81 -0.46 14.40 6.19
C LEU A 81 -0.92 13.89 7.54
N ILE A 82 -1.81 12.90 7.54
CA ILE A 82 -2.35 12.34 8.76
C ILE A 82 -1.74 10.98 9.10
N LEU A 83 -0.97 10.93 10.18
CA LEU A 83 -0.33 9.71 10.65
C LEU A 83 -1.13 9.18 11.83
N HIS A 84 -1.14 7.86 12.03
CA HIS A 84 -1.87 7.29 13.16
C HIS A 84 -1.08 7.56 14.45
N LYS A 85 -1.77 8.10 15.45
CA LYS A 85 -1.16 8.44 16.73
C LYS A 85 -0.66 7.25 17.57
N ASP A 86 -1.26 6.09 17.38
CA ASP A 86 -0.84 4.90 18.12
C ASP A 86 0.10 4.00 17.34
N TYR A 87 0.78 4.56 16.34
CA TYR A 87 1.71 3.78 15.55
C TYR A 87 2.94 3.41 16.40
N SER A 88 3.42 2.19 16.23
CA SER A 88 4.61 1.72 16.93
C SER A 88 5.22 0.54 16.17
N ALA A 89 6.52 0.37 16.29
CA ALA A 89 7.22 -0.73 15.63
C ALA A 89 7.98 -1.56 16.64
N ASP A 90 7.69 -2.86 16.69
CA ASP A 90 8.36 -3.77 17.59
C ASP A 90 9.51 -4.45 16.87
N THR A 91 9.83 -5.68 17.30
CA THR A 91 10.90 -6.46 16.69
C THR A 91 10.59 -6.63 15.20
N LEU A 92 9.38 -7.09 14.89
CA LEU A 92 8.95 -7.27 13.51
C LEU A 92 7.69 -6.50 13.17
N ALA A 93 6.70 -6.62 14.06
CA ALA A 93 5.41 -5.98 13.87
C ALA A 93 5.35 -4.46 13.90
N HIS A 94 4.59 -3.90 12.95
CA HIS A 94 4.36 -2.47 12.86
C HIS A 94 2.87 -2.33 13.14
N HIS A 95 2.55 -1.65 14.23
CA HIS A 95 1.17 -1.48 14.66
C HIS A 95 0.54 -0.17 14.17
N ASN A 96 -0.74 -0.23 13.80
CA ASN A 96 -1.49 0.92 13.32
C ASN A 96 -0.76 1.63 12.18
N ASP A 97 -0.24 0.83 11.28
CA ASP A 97 0.52 1.30 10.12
C ASP A 97 -0.44 1.71 9.03
N ILE A 98 -1.00 2.90 9.18
CA ILE A 98 -1.97 3.41 8.23
C ILE A 98 -1.88 4.94 8.28
N ALA A 99 -1.96 5.56 7.09
CA ALA A 99 -1.89 7.00 6.98
C ALA A 99 -2.76 7.54 5.86
N LEU A 100 -3.17 8.79 6.02
CA LEU A 100 -4.02 9.48 5.05
C LEU A 100 -3.32 10.73 4.52
N LEU A 101 -3.36 10.90 3.19
CA LEU A 101 -2.77 12.08 2.56
C LEU A 101 -3.83 12.84 1.79
N LYS A 102 -4.07 14.09 2.18
CA LYS A 102 -5.04 14.88 1.42
C LYS A 102 -4.22 15.54 0.34
N ILE A 103 -4.62 15.33 -0.91
CA ILE A 103 -3.91 15.88 -2.04
C ILE A 103 -4.60 17.03 -2.74
N ARG A 104 -3.82 17.82 -3.45
CA ARG A 104 -4.34 18.95 -4.22
C ARG A 104 -3.32 19.37 -5.25
N SER A 105 -3.80 19.64 -6.46
CA SER A 105 -2.95 20.08 -7.56
C SER A 105 -2.48 21.50 -7.27
N LYS A 106 -1.60 22.02 -8.11
CA LYS A 106 -1.09 23.38 -7.95
C LYS A 106 -2.24 24.37 -8.10
N GLU A 107 -3.28 23.98 -8.83
CA GLU A 107 -4.47 24.81 -9.04
C GLU A 107 -5.44 24.67 -7.87
N GLY A 108 -5.11 23.81 -6.91
CA GLY A 108 -5.96 23.61 -5.75
C GLY A 108 -7.11 22.66 -5.98
N ARG A 109 -6.97 21.77 -6.94
CA ARG A 109 -8.01 20.80 -7.25
C ARG A 109 -7.63 19.39 -6.85
N CYS A 110 -8.63 18.54 -6.69
CA CYS A 110 -8.40 17.15 -6.35
C CYS A 110 -8.31 16.38 -7.66
N ALA A 111 -8.11 15.07 -7.58
CA ALA A 111 -7.98 14.25 -8.78
C ALA A 111 -9.25 14.23 -9.64
N GLN A 112 -9.05 14.11 -10.95
CA GLN A 112 -10.14 14.04 -11.92
C GLN A 112 -10.10 12.62 -12.50
N PRO A 113 -11.25 11.93 -12.54
CA PRO A 113 -11.33 10.56 -13.07
C PRO A 113 -10.89 10.43 -14.53
N SER A 114 -10.27 9.30 -14.85
CA SER A 114 -9.82 9.00 -16.20
C SER A 114 -9.63 7.49 -16.30
N ARG A 115 -9.14 7.02 -17.44
CA ARG A 115 -8.91 5.60 -17.63
C ARG A 115 -7.71 5.11 -16.81
N THR A 116 -6.88 6.03 -16.34
CA THR A 116 -5.70 5.67 -15.56
C THR A 116 -5.77 6.16 -14.12
N ILE A 117 -6.86 6.82 -13.75
CA ILE A 117 -7.01 7.37 -12.41
C ILE A 117 -8.43 7.14 -11.92
N GLN A 118 -8.58 6.16 -11.03
CA GLN A 118 -9.87 5.81 -10.45
C GLN A 118 -9.74 5.54 -8.97
N THR A 119 -10.85 5.60 -8.25
CA THR A 119 -10.82 5.33 -6.81
C THR A 119 -11.07 3.86 -6.53
N ILE A 120 -10.68 3.42 -5.35
CA ILE A 120 -10.90 2.03 -4.95
C ILE A 120 -11.88 2.07 -3.78
N SER A 121 -12.78 1.09 -3.71
CA SER A 121 -13.77 1.01 -2.64
C SER A 121 -13.21 0.53 -1.32
N LEU A 122 -13.70 1.11 -0.23
CA LEU A 122 -13.31 0.70 1.11
C LEU A 122 -14.22 -0.47 1.48
N PRO A 123 -13.78 -1.33 2.41
CA PRO A 123 -14.60 -2.50 2.83
C PRO A 123 -15.70 -2.07 3.79
N SER A 124 -16.58 -3.01 4.14
CA SER A 124 -17.65 -2.75 5.09
C SER A 124 -17.14 -3.17 6.46
N MET A 125 -17.74 -2.60 7.52
CA MET A 125 -17.36 -2.92 8.89
C MET A 125 -17.24 -4.40 9.19
N TYR A 126 -16.05 -4.82 9.60
CA TYR A 126 -15.76 -6.21 9.95
C TYR A 126 -16.19 -7.23 8.88
N ASN A 127 -16.09 -6.84 7.61
CA ASN A 127 -16.46 -7.71 6.51
C ASN A 127 -15.25 -7.92 5.59
N ASP A 128 -14.44 -8.92 5.92
CA ASP A 128 -13.26 -9.26 5.13
C ASP A 128 -13.47 -10.55 4.37
N PRO A 129 -12.71 -10.76 3.28
CA PRO A 129 -12.86 -11.97 2.49
C PRO A 129 -12.50 -13.20 3.32
N GLN A 130 -13.08 -14.34 2.98
CA GLN A 130 -12.80 -15.58 3.69
C GLN A 130 -11.33 -15.94 3.41
N PHE A 131 -10.68 -16.59 4.37
CA PHE A 131 -9.30 -16.96 4.19
C PHE A 131 -9.20 -18.00 3.07
N GLY A 132 -8.15 -17.90 2.25
CA GLY A 132 -7.98 -18.80 1.13
C GLY A 132 -8.33 -18.07 -0.15
N THR A 133 -8.90 -16.88 -0.01
CA THR A 133 -9.29 -16.03 -1.14
C THR A 133 -8.07 -15.39 -1.79
N SER A 134 -8.05 -15.38 -3.12
CA SER A 134 -6.95 -14.78 -3.86
C SER A 134 -7.15 -13.27 -3.93
N CYS A 135 -6.07 -12.53 -3.73
CA CYS A 135 -6.07 -11.07 -3.79
C CYS A 135 -4.84 -10.61 -4.54
N GLU A 136 -4.83 -9.35 -4.99
CA GLU A 136 -3.69 -8.83 -5.71
C GLU A 136 -3.00 -7.69 -4.97
N ILE A 137 -1.69 -7.55 -5.22
CA ILE A 137 -0.89 -6.49 -4.65
C ILE A 137 -0.14 -5.84 -5.81
N THR A 138 0.14 -4.55 -5.67
CA THR A 138 0.82 -3.78 -6.70
C THR A 138 1.92 -2.92 -6.08
N GLY A 139 3.02 -2.73 -6.82
CA GLY A 139 4.10 -1.92 -6.29
C GLY A 139 5.36 -1.79 -7.13
N PHE A 140 6.20 -0.85 -6.72
CA PHE A 140 7.48 -0.58 -7.37
C PHE A 140 8.60 -1.15 -6.51
N GLY A 141 8.27 -2.00 -5.56
CA GLY A 141 9.26 -2.60 -4.68
C GLY A 141 10.22 -3.57 -5.31
N LYS A 142 11.21 -4.00 -4.53
CA LYS A 142 12.25 -4.93 -4.98
C LYS A 142 11.74 -6.22 -5.59
N GLU A 143 12.46 -6.69 -6.60
CA GLU A 143 12.11 -7.92 -7.29
C GLU A 143 12.83 -9.09 -6.64
N ASN A 144 13.85 -8.77 -5.84
CA ASN A 144 14.65 -9.77 -5.13
C ASN A 144 15.22 -9.10 -3.89
N SER A 145 15.31 -9.86 -2.81
CA SER A 145 15.84 -9.36 -1.54
C SER A 145 17.25 -8.80 -1.62
N THR A 146 18.06 -9.40 -2.49
CA THR A 146 19.44 -8.95 -2.68
C THR A 146 19.59 -7.71 -3.55
N ASP A 147 18.49 -7.22 -4.11
CA ASP A 147 18.53 -6.02 -4.97
C ASP A 147 18.66 -4.75 -4.14
N TYR A 148 19.32 -3.74 -4.71
CA TYR A 148 19.48 -2.46 -4.04
C TYR A 148 18.75 -1.38 -4.85
N LEU A 149 18.25 -1.80 -6.00
CA LEU A 149 17.50 -0.91 -6.88
C LEU A 149 16.07 -1.41 -7.04
N TYR A 150 15.17 -0.47 -7.35
CA TYR A 150 13.77 -0.78 -7.57
C TYR A 150 13.51 -0.94 -9.08
N PRO A 151 12.49 -1.70 -9.47
CA PRO A 151 12.20 -1.88 -10.90
C PRO A 151 11.62 -0.60 -11.47
N GLU A 152 11.90 -0.34 -12.74
CA GLU A 152 11.43 0.86 -13.41
C GLU A 152 9.94 0.80 -13.78
N GLN A 153 9.43 -0.40 -14.00
CA GLN A 153 8.03 -0.60 -14.39
C GLN A 153 7.21 -1.16 -13.23
N LEU A 154 5.97 -0.69 -13.11
CA LEU A 154 5.07 -1.16 -12.06
C LEU A 154 4.86 -2.67 -12.19
N LYS A 155 4.74 -3.35 -11.05
CA LYS A 155 4.53 -4.80 -11.02
C LYS A 155 3.30 -5.16 -10.21
N MET A 156 2.84 -6.39 -10.39
CA MET A 156 1.68 -6.90 -9.69
C MET A 156 1.78 -8.40 -9.55
N THR A 157 1.09 -8.93 -8.54
CA THR A 157 1.07 -10.36 -8.31
C THR A 157 -0.18 -10.73 -7.52
N VAL A 158 -0.41 -12.03 -7.42
CA VAL A 158 -1.58 -12.56 -6.72
C VAL A 158 -1.13 -13.41 -5.56
N VAL A 159 -1.74 -13.16 -4.40
CA VAL A 159 -1.43 -13.91 -3.19
C VAL A 159 -2.74 -14.32 -2.53
N LYS A 160 -2.67 -15.31 -1.66
CA LYS A 160 -3.86 -15.81 -0.96
C LYS A 160 -3.86 -15.42 0.51
N LEU A 161 -5.04 -15.08 1.00
CA LEU A 161 -5.21 -14.72 2.41
C LEU A 161 -5.03 -15.94 3.31
N ILE A 162 -4.32 -15.75 4.41
CA ILE A 162 -4.05 -16.79 5.38
C ILE A 162 -4.81 -16.45 6.66
N SER A 163 -5.32 -17.47 7.35
CA SER A 163 -6.06 -17.25 8.59
C SER A 163 -5.17 -16.73 9.70
N HIS A 164 -5.78 -16.03 10.65
CA HIS A 164 -5.06 -15.49 11.78
C HIS A 164 -4.46 -16.64 12.60
N ARG A 165 -5.17 -17.77 12.66
CA ARG A 165 -4.70 -18.94 13.41
C ARG A 165 -3.40 -19.51 12.81
N GLU A 166 -3.37 -19.66 11.50
CA GLU A 166 -2.20 -20.19 10.82
C GLU A 166 -1.00 -19.26 10.92
N CYS A 167 -1.26 -17.95 10.78
CA CYS A 167 -0.20 -16.96 10.83
C CYS A 167 0.35 -16.78 12.25
N GLN A 168 -0.45 -17.18 13.24
CA GLN A 168 -0.08 -17.06 14.65
C GLN A 168 0.69 -18.29 15.13
N GLN A 169 0.94 -19.24 14.24
CA GLN A 169 1.69 -20.46 14.59
C GLN A 169 3.14 -20.09 14.90
N PRO A 170 3.82 -20.92 15.70
CA PRO A 170 5.22 -20.74 16.11
C PRO A 170 6.23 -20.50 14.97
N HIS A 171 6.15 -21.29 13.91
CA HIS A 171 7.07 -21.14 12.78
C HIS A 171 6.74 -19.96 11.89
N TYR A 172 5.54 -19.41 12.02
CA TYR A 172 5.14 -18.25 11.24
C TYR A 172 5.56 -16.98 12.00
N TYR A 173 4.62 -16.27 12.60
CA TYR A 173 4.93 -15.05 13.33
C TYR A 173 4.55 -15.06 14.81
N GLY A 174 3.95 -16.15 15.25
CA GLY A 174 3.55 -16.25 16.65
C GLY A 174 2.60 -15.16 17.09
N SER A 175 2.79 -14.69 18.32
CA SER A 175 1.95 -13.65 18.90
C SER A 175 2.18 -12.24 18.36
N GLU A 176 3.16 -12.09 17.48
CA GLU A 176 3.48 -10.78 16.89
C GLU A 176 2.38 -10.26 15.96
N VAL A 177 1.68 -11.17 15.29
CA VAL A 177 0.59 -10.78 14.40
C VAL A 177 -0.71 -10.64 15.21
N THR A 178 -1.42 -9.55 14.99
CA THR A 178 -2.66 -9.27 15.72
C THR A 178 -3.87 -9.36 14.79
N THR A 179 -5.07 -9.16 15.36
CA THR A 179 -6.28 -9.20 14.56
C THR A 179 -6.48 -7.94 13.72
N LYS A 180 -5.64 -6.92 13.95
CA LYS A 180 -5.72 -5.69 13.18
C LYS A 180 -4.83 -5.83 11.95
N MET A 181 -4.28 -7.03 11.76
CA MET A 181 -3.38 -7.33 10.66
C MET A 181 -3.89 -8.52 9.87
N LEU A 182 -3.48 -8.60 8.60
CA LEU A 182 -3.85 -9.70 7.72
C LEU A 182 -2.60 -10.28 7.09
N CYS A 183 -2.52 -11.61 7.05
CA CYS A 183 -1.39 -12.27 6.44
C CYS A 183 -1.83 -12.78 5.09
N ALA A 184 -0.93 -12.72 4.12
CA ALA A 184 -1.20 -13.18 2.77
C ALA A 184 0.11 -13.66 2.16
N ALA A 185 0.04 -14.70 1.37
CA ALA A 185 1.23 -15.25 0.73
C ALA A 185 0.87 -16.18 -0.41
N ASP A 186 1.90 -16.64 -1.11
CA ASP A 186 1.75 -17.57 -2.22
C ASP A 186 1.89 -18.97 -1.62
N PRO A 187 0.93 -19.87 -1.91
CA PRO A 187 1.01 -21.24 -1.38
C PRO A 187 2.33 -21.96 -1.69
N GLN A 188 3.03 -21.51 -2.73
CA GLN A 188 4.32 -22.10 -3.12
C GLN A 188 5.49 -21.22 -2.67
N TRP A 189 5.18 -20.11 -1.99
CA TRP A 189 6.17 -19.17 -1.48
C TRP A 189 7.13 -18.63 -2.56
N LYS A 190 6.60 -18.41 -3.76
CA LYS A 190 7.39 -17.93 -4.88
C LYS A 190 7.19 -16.44 -5.16
N THR A 191 5.99 -15.93 -4.87
CA THR A 191 5.70 -14.53 -5.11
C THR A 191 5.33 -13.85 -3.79
N ASP A 192 5.64 -12.55 -3.67
CA ASP A 192 5.39 -11.82 -2.43
C ASP A 192 5.70 -10.33 -2.61
N SER A 193 5.32 -9.53 -1.62
CA SER A 193 5.62 -8.11 -1.62
C SER A 193 7.03 -8.04 -1.00
N CYS A 194 7.73 -6.93 -1.16
CA CYS A 194 9.08 -6.78 -0.60
C CYS A 194 9.33 -5.32 -0.27
N GLN A 195 10.54 -4.99 0.18
CA GLN A 195 10.89 -3.61 0.52
C GLN A 195 10.60 -2.69 -0.67
N GLY A 196 9.94 -1.56 -0.41
CA GLY A 196 9.59 -0.64 -1.47
C GLY A 196 8.13 -0.74 -1.89
N ASP A 197 7.46 -1.82 -1.47
CA ASP A 197 6.05 -2.04 -1.76
C ASP A 197 5.16 -1.48 -0.64
N SER A 198 5.78 -1.00 0.43
CA SER A 198 5.07 -0.43 1.58
C SER A 198 4.02 0.60 1.19
N GLY A 199 2.90 0.59 1.91
CA GLY A 199 1.83 1.52 1.65
C GLY A 199 0.89 1.12 0.52
N GLY A 200 1.34 0.19 -0.32
CA GLY A 200 0.54 -0.27 -1.44
C GLY A 200 -0.72 -1.05 -1.09
N PRO A 201 -1.60 -1.27 -2.07
CA PRO A 201 -2.85 -2.00 -1.86
C PRO A 201 -2.87 -3.51 -2.01
N LEU A 202 -3.65 -4.13 -1.14
CA LEU A 202 -3.90 -5.56 -1.17
C LEU A 202 -5.37 -5.50 -1.56
N VAL A 203 -5.67 -5.77 -2.83
CA VAL A 203 -7.03 -5.70 -3.34
C VAL A 203 -7.67 -7.09 -3.49
N CYS A 204 -8.88 -7.23 -2.97
CA CYS A 204 -9.60 -8.49 -3.04
C CYS A 204 -11.00 -8.29 -3.62
N SER A 205 -11.47 -9.27 -4.38
CA SER A 205 -12.80 -9.19 -4.95
C SER A 205 -13.77 -9.67 -3.87
N LEU A 206 -14.58 -8.75 -3.37
CA LEU A 206 -15.55 -9.07 -2.32
C LEU A 206 -16.94 -8.90 -2.92
N GLN A 207 -17.58 -10.03 -3.22
CA GLN A 207 -18.93 -10.04 -3.79
C GLN A 207 -18.96 -9.27 -5.11
N GLY A 208 -18.11 -9.70 -6.05
CA GLY A 208 -18.02 -9.07 -7.36
C GLY A 208 -17.50 -7.64 -7.38
N ARG A 209 -17.03 -7.15 -6.22
CA ARG A 209 -16.53 -5.78 -6.13
C ARG A 209 -15.06 -5.73 -5.66
N MET A 210 -14.26 -4.91 -6.34
CA MET A 210 -12.84 -4.74 -5.99
C MET A 210 -12.78 -3.92 -4.71
N THR A 211 -12.16 -4.48 -3.68
CA THR A 211 -12.09 -3.80 -2.39
C THR A 211 -10.66 -3.68 -1.83
N LEU A 212 -10.36 -2.54 -1.22
CA LEU A 212 -9.05 -2.29 -0.62
C LEU A 212 -9.11 -3.02 0.71
N THR A 213 -8.56 -4.24 0.75
CA THR A 213 -8.59 -5.05 1.95
C THR A 213 -7.42 -4.83 2.90
N GLY A 214 -6.27 -4.49 2.35
CA GLY A 214 -5.10 -4.27 3.17
C GLY A 214 -4.09 -3.31 2.59
N ILE A 215 -3.09 -2.99 3.41
CA ILE A 215 -2.02 -2.09 3.02
C ILE A 215 -0.71 -2.79 3.36
N VAL A 216 0.22 -2.84 2.39
CA VAL A 216 1.51 -3.50 2.61
C VAL A 216 2.19 -2.85 3.81
N SER A 217 2.46 -3.66 4.83
CA SER A 217 3.10 -3.14 6.04
C SER A 217 4.44 -3.76 6.41
N TRP A 218 4.48 -5.06 6.68
CA TRP A 218 5.73 -5.69 7.09
C TRP A 218 5.84 -7.20 6.83
N GLY A 219 7.02 -7.74 7.09
CA GLY A 219 7.26 -9.15 6.89
C GLY A 219 8.73 -9.50 7.02
N ARG A 220 9.01 -10.72 7.44
CA ARG A 220 10.38 -11.20 7.61
C ARG A 220 10.92 -11.63 6.25
N GLY A 221 11.88 -10.88 5.73
CA GLY A 221 12.44 -11.18 4.42
C GLY A 221 11.35 -11.03 3.37
N CYS A 222 11.52 -11.70 2.23
CA CYS A 222 10.54 -11.65 1.15
C CYS A 222 10.52 -13.00 0.44
N ALA A 223 9.33 -13.56 0.27
CA ALA A 223 9.15 -14.84 -0.41
C ALA A 223 9.79 -16.02 0.34
N LEU A 224 9.97 -15.87 1.65
CA LEU A 224 10.53 -16.95 2.46
C LEU A 224 9.41 -17.86 2.95
N LYS A 225 9.69 -19.16 2.99
CA LYS A 225 8.73 -20.16 3.43
C LYS A 225 8.26 -19.90 4.87
N ASP A 226 6.95 -19.93 5.07
CA ASP A 226 6.32 -19.70 6.38
C ASP A 226 6.44 -18.28 6.93
N LYS A 227 6.84 -17.34 6.08
CA LYS A 227 6.97 -15.95 6.48
C LYS A 227 6.17 -15.09 5.50
N PRO A 228 4.83 -15.05 5.68
CA PRO A 228 3.91 -14.29 4.83
C PRO A 228 4.08 -12.77 4.94
N GLY A 229 3.52 -12.07 3.97
CA GLY A 229 3.56 -10.63 4.01
C GLY A 229 2.45 -10.27 4.98
N VAL A 230 2.62 -9.20 5.74
CA VAL A 230 1.61 -8.77 6.70
C VAL A 230 1.06 -7.42 6.25
N TYR A 231 -0.27 -7.30 6.29
CA TYR A 231 -0.96 -6.10 5.85
C TYR A 231 -1.84 -5.49 6.93
N THR A 232 -1.98 -4.18 6.89
CA THR A 232 -2.83 -3.49 7.85
C THR A 232 -4.27 -3.78 7.43
N ARG A 233 -5.04 -4.36 8.36
CA ARG A 233 -6.43 -4.73 8.10
C ARG A 233 -7.28 -3.47 8.04
N VAL A 234 -7.53 -3.01 6.81
CA VAL A 234 -8.28 -1.78 6.56
C VAL A 234 -9.66 -1.72 7.22
N SER A 235 -10.43 -2.81 7.14
CA SER A 235 -11.77 -2.84 7.72
C SER A 235 -11.84 -2.49 9.21
N HIS A 236 -10.72 -2.57 9.91
CA HIS A 236 -10.71 -2.24 11.33
C HIS A 236 -10.48 -0.76 11.59
N PHE A 237 -9.98 -0.04 10.58
CA PHE A 237 -9.70 1.37 10.74
C PHE A 237 -10.70 2.31 10.09
N LEU A 238 -11.89 1.79 9.76
CA LEU A 238 -12.93 2.61 9.12
C LEU A 238 -13.35 3.82 9.97
N PRO A 239 -13.56 3.63 11.29
CA PRO A 239 -13.94 4.76 12.15
C PRO A 239 -12.86 5.83 12.14
N TRP A 240 -11.60 5.39 12.16
CA TRP A 240 -10.46 6.30 12.12
C TRP A 240 -10.40 6.99 10.76
N ILE A 241 -10.67 6.24 9.70
CA ILE A 241 -10.65 6.80 8.35
C ILE A 241 -11.75 7.86 8.21
N ARG A 242 -12.98 7.52 8.60
CA ARG A 242 -14.10 8.46 8.51
C ARG A 242 -13.90 9.73 9.32
N SER A 243 -13.46 9.58 10.57
CA SER A 243 -13.26 10.74 11.45
C SER A 243 -12.19 11.72 10.97
N HIS A 244 -11.22 11.23 10.19
CA HIS A 244 -10.16 12.10 9.70
C HIS A 244 -10.37 12.66 8.28
N THR A 245 -11.30 12.09 7.52
CA THR A 245 -11.54 12.55 6.16
C THR A 245 -12.71 13.53 6.00
N LYS A 246 -13.43 13.80 7.09
CA LYS A 246 -14.58 14.70 7.04
C LYS A 246 -14.18 16.17 6.88
N GLU A 247 -13.88 16.84 7.98
CA GLU A 247 -13.48 18.24 7.94
C GLU A 247 -12.76 18.60 9.25
N6 SM1 B . 7.34 -11.37 3.30
C18 SM1 B . 7.14 -10.05 2.99
N5 SM1 B . 6.11 -9.76 2.20
N4 SM1 B . 7.95 -9.08 3.49
C14 SM1 B . 7.86 -7.73 3.41
C13 SM1 B . 9.06 -7.02 3.21
C12 SM1 B . 9.07 -5.61 3.30
C17 SM1 B . 7.87 -4.92 3.56
C16 SM1 B . 6.66 -5.64 3.66
C15 SM1 B . 6.64 -7.03 3.54
C11 SM1 B . 7.85 -3.44 3.73
N3 SM1 B . 7.92 -3.07 5.09
C10 SM1 B . 9.05 -3.01 5.78
O5 SM1 B . 10.16 -3.21 5.26
C8 SM1 B . 9.02 -2.70 7.20
C22 SM1 B . 9.47 -1.24 7.46
N2 SM1 B . 9.89 -3.52 7.94
C7 SM1 B . 9.92 -4.83 8.02
C5 SM1 B . 10.93 -5.50 8.83
C6 SM1 B . 10.46 -5.76 10.29
O3 SM1 B . 10.03 -4.53 10.89
N1 SM1 B . 11.30 -6.84 8.30
O4 SM1 B . 9.08 -5.50 7.41
O2 SM1 B . 13.76 -6.11 7.58
S1 SM1 B . 12.52 -6.91 7.14
O1 SM1 B . 12.81 -8.43 6.95
C1 SM1 B . 11.97 -6.23 5.62
C4 SM1 B . 12.98 -6.34 4.55
C19 SM1 B . 12.97 -7.46 3.69
C20 SM1 B . 13.96 -7.62 2.69
C21 SM1 B . 14.94 -6.62 2.52
C2 SM1 B . 14.92 -5.47 3.35
C3 SM1 B . 13.96 -5.35 4.38
S SO4 C . -2.25 -3.93 17.59
O1 SO4 C . -3.47 -4.74 17.58
O2 SO4 C . -1.34 -4.40 18.65
O3 SO4 C . -1.58 -4.02 16.28
O4 SO4 C . -2.61 -2.51 17.87
S SO4 D . 9.85 0.28 2.64
O1 SO4 D . 9.15 -0.80 1.92
O2 SO4 D . 9.07 0.66 3.84
O3 SO4 D . 11.19 -0.18 3.06
O4 SO4 D . 9.99 1.47 1.76
#